data_2VX4
#
_entry.id   2VX4
#
_cell.length_a   52.273
_cell.length_b   83.606
_cell.length_c   84.337
_cell.angle_alpha   90.00
_cell.angle_beta   90.00
_cell.angle_gamma   90.00
#
_symmetry.space_group_name_H-M   'P 21 21 21'
#
loop_
_entity.id
_entity.type
_entity.pdbx_description
1 polymer 'CELLVIBRIO JAPONICUS MANNANASE CJMAN26C'
2 non-polymer GLYCEROL
3 non-polymer 'SODIUM ION'
4 water water
#
_entity_poly.entity_id   1
_entity_poly.type   'polypeptide(L)'
_entity_poly.pdbx_seq_one_letter_code
;MSEKPAESAAAVADSATTTAPQSGKPETALPALIDTQATAETRALYRNLAKLRYKHLLFGHEDSLAYGVHWEGDMDRSDV
RDVTGANPAVYGWELGGLELGHTANLDAVNFEKMQHWIKAGYSRGGVITISWHVFNPVSGGNSWDKTPAVHELIPGGARH
ATLKAYLDTFVAFNEGLADVDAQGNKHYPPIIFRPWHEHNGDWFWWGKGHASEQDYIALWRFTVHYLRDEKKLRNLIYAY
SPDRSRIDMANFEAGYLYGYPGDAYVDIIGLDNYWDVGHEANTASADEQKAALTASLKQLVQIARSKGKIAALTETGNNR
LTIDNFWTERLLGPISADADASEIAYVMVWRNANLAREKSEQFFAPFPGQATADDFKRFYQSEVVLFEDELPPLYR
;
_entity_poly.pdbx_strand_id   A
#
# COMPACT_ATOMS: atom_id res chain seq x y z
N LEU A 30 -19.48 -5.94 -8.92
CA LEU A 30 -20.22 -4.67 -9.15
C LEU A 30 -19.45 -3.38 -8.80
N PRO A 31 -18.51 -3.40 -7.82
CA PRO A 31 -17.54 -2.31 -7.94
C PRO A 31 -17.00 -2.20 -9.35
N ALA A 32 -16.80 -0.97 -9.78
CA ALA A 32 -16.22 -0.69 -11.11
C ALA A 32 -15.06 0.27 -10.93
N LEU A 33 -14.01 0.06 -11.71
CA LEU A 33 -12.83 0.93 -11.66
C LEU A 33 -13.10 2.32 -12.21
N ILE A 34 -12.33 3.29 -11.74
CA ILE A 34 -12.43 4.65 -12.27
C ILE A 34 -11.88 4.72 -13.70
N ASP A 35 -11.01 3.79 -14.04
CA ASP A 35 -10.58 3.67 -15.45
C ASP A 35 -11.52 2.73 -16.17
N THR A 36 -12.43 3.33 -16.94
CA THR A 36 -13.46 2.59 -17.67
C THR A 36 -12.86 1.75 -18.79
N GLN A 37 -11.57 1.95 -19.07
CA GLN A 37 -10.87 1.20 -20.11
C GLN A 37 -9.67 0.38 -19.60
N ALA A 38 -9.68 0.09 -18.31
CA ALA A 38 -8.62 -0.69 -17.70
C ALA A 38 -8.41 -2.01 -18.42
N THR A 39 -7.16 -2.47 -18.40
CA THR A 39 -6.81 -3.71 -19.08
C THR A 39 -7.60 -4.87 -18.50
N ALA A 40 -7.73 -5.92 -19.28
CA ALA A 40 -8.52 -7.07 -18.86
C ALA A 40 -8.03 -7.60 -17.51
N GLU A 41 -6.72 -7.64 -17.32
CA GLU A 41 -6.16 -8.22 -16.09
C GLU A 41 -6.40 -7.30 -14.90
N THR A 42 -6.47 -6.01 -15.18
CA THR A 42 -6.69 -5.00 -14.11
C THR A 42 -8.14 -5.07 -13.67
N ARG A 43 -9.02 -5.17 -14.65
CA ARG A 43 -10.44 -5.31 -14.37
C ARG A 43 -10.69 -6.61 -13.63
N ALA A 44 -10.01 -7.67 -14.05
CA ALA A 44 -10.16 -8.97 -13.40
C ALA A 44 -9.71 -8.93 -11.97
N LEU A 45 -8.56 -8.33 -11.71
CA LEU A 45 -8.07 -8.23 -10.33
C LEU A 45 -9.10 -7.57 -9.41
N TYR A 46 -9.63 -6.43 -9.86
CA TYR A 46 -10.54 -5.65 -9.02
C TYR A 46 -11.82 -6.46 -8.75
N ARG A 47 -12.32 -7.11 -9.79
CA ARG A 47 -13.54 -7.94 -9.67
C ARG A 47 -13.31 -9.09 -8.71
N ASN A 48 -12.15 -9.71 -8.84
CA ASN A 48 -11.79 -10.86 -8.01
C ASN A 48 -11.56 -10.46 -6.55
N LEU A 49 -10.96 -9.29 -6.34
CA LEU A 49 -10.82 -8.78 -4.97
C LEU A 49 -12.20 -8.55 -4.37
N ALA A 50 -13.13 -8.04 -5.18
CA ALA A 50 -14.50 -7.72 -4.69
C ALA A 50 -15.23 -9.00 -4.27
N LYS A 51 -14.88 -10.11 -4.91
CA LYS A 51 -15.54 -11.40 -4.64
C LYS A 51 -14.92 -12.10 -3.44
N LEU A 52 -13.59 -12.09 -3.38
CA LEU A 52 -12.85 -12.86 -2.38
C LEU A 52 -12.90 -12.24 -0.99
N ARG A 53 -13.21 -10.94 -0.95
CA ARG A 53 -13.06 -10.20 0.32
C ARG A 53 -13.98 -10.71 1.43
N TYR A 54 -15.08 -11.36 1.06
CA TYR A 54 -16.06 -11.75 2.08
C TYR A 54 -15.56 -12.89 2.95
N LYS A 55 -14.83 -13.83 2.35
CA LYS A 55 -14.37 -15.04 3.06
C LYS A 55 -12.84 -15.08 3.22
N HIS A 56 -12.14 -14.13 2.61
CA HIS A 56 -10.68 -14.17 2.67
C HIS A 56 -10.02 -12.82 2.84
N LEU A 57 -8.75 -12.92 3.20
CA LEU A 57 -7.88 -11.78 3.46
C LEU A 57 -6.51 -12.05 2.84
N LEU A 58 -6.11 -11.26 1.85
CA LEU A 58 -4.78 -11.43 1.25
C LEU A 58 -3.76 -10.79 2.17
N PHE A 59 -2.65 -11.50 2.39
CA PHE A 59 -1.55 -10.98 3.17
C PHE A 59 -0.49 -10.33 2.32
N GLY A 60 -0.08 -9.15 2.71
CA GLY A 60 1.01 -8.44 2.01
C GLY A 60 2.19 -8.00 2.86
N HIS A 61 3.29 -7.76 2.16
CA HIS A 61 4.55 -7.30 2.77
C HIS A 61 5.31 -6.38 1.81
N GLU A 62 5.80 -5.28 2.37
CA GLU A 62 6.62 -4.30 1.68
C GLU A 62 8.05 -4.78 1.47
N ASP A 63 8.56 -4.55 0.27
CA ASP A 63 9.94 -4.82 -0.09
C ASP A 63 10.31 -6.27 0.16
N SER A 64 9.34 -7.16 -0.04
CA SER A 64 9.45 -8.52 0.52
C SER A 64 10.56 -9.33 -0.14
N LEU A 65 10.81 -9.06 -1.42
CA LEU A 65 11.82 -9.78 -2.21
C LEU A 65 13.16 -9.06 -2.22
N ALA A 66 13.19 -7.82 -1.72
CA ALA A 66 14.40 -6.98 -1.88
C ALA A 66 15.46 -7.30 -0.85
N TYR A 67 15.02 -7.56 0.38
CA TYR A 67 15.92 -7.83 1.52
C TYR A 67 15.09 -8.30 2.68
N GLY A 68 15.81 -8.74 3.70
CA GLY A 68 15.22 -9.05 4.98
C GLY A 68 16.10 -8.51 6.09
N VAL A 69 15.74 -8.81 7.33
CA VAL A 69 16.47 -8.26 8.48
C VAL A 69 17.91 -8.74 8.46
N HIS A 70 18.12 -9.98 8.04
CA HIS A 70 19.44 -10.60 8.12
C HIS A 70 20.01 -11.06 6.78
N TRP A 71 19.46 -10.55 5.69
CA TRP A 71 20.00 -10.87 4.36
C TRP A 71 19.66 -9.80 3.33
N GLU A 72 20.54 -9.68 2.34
CA GLU A 72 20.30 -8.88 1.13
C GLU A 72 21.22 -9.33 0.01
N GLY A 73 20.66 -9.46 -1.18
CA GLY A 73 21.40 -9.80 -2.38
C GLY A 73 20.73 -10.88 -3.19
N ASP A 74 20.13 -11.83 -2.48
CA ASP A 74 19.46 -12.96 -3.13
C ASP A 74 18.37 -12.41 -4.05
N MET A 75 18.30 -12.93 -5.27
CA MET A 75 17.34 -12.43 -6.28
C MET A 75 15.98 -13.15 -6.23
N ASP A 76 15.86 -14.12 -5.35
CA ASP A 76 14.56 -14.79 -5.11
C ASP A 76 14.40 -15.32 -3.70
N ARG A 77 14.23 -14.41 -2.77
CA ARG A 77 14.11 -14.75 -1.37
C ARG A 77 13.18 -13.76 -0.66
N SER A 78 12.54 -14.22 0.41
CA SER A 78 11.73 -13.34 1.28
C SER A 78 11.69 -13.89 2.70
N ASP A 79 11.81 -12.99 3.67
CA ASP A 79 11.70 -13.39 5.07
C ASP A 79 10.40 -14.15 5.26
N VAL A 80 9.36 -13.68 4.58
CA VAL A 80 8.00 -14.22 4.76
C VAL A 80 7.97 -15.68 4.32
N ARG A 81 8.66 -15.95 3.22
CA ARG A 81 8.74 -17.30 2.65
C ARG A 81 9.67 -18.17 3.49
N ASP A 82 10.74 -17.57 4.01
CA ASP A 82 11.65 -18.33 4.87
C ASP A 82 10.92 -18.88 6.11
N VAL A 83 9.97 -18.11 6.62
CA VAL A 83 9.16 -18.55 7.76
C VAL A 83 8.04 -19.51 7.39
N THR A 84 7.26 -19.21 6.35
CA THR A 84 6.03 -19.97 6.07
C THR A 84 6.11 -20.97 4.93
N GLY A 85 7.09 -20.78 4.07
CA GLY A 85 7.22 -21.54 2.83
C GLY A 85 6.53 -20.87 1.64
N ALA A 86 5.83 -19.78 1.92
CA ALA A 86 5.06 -19.06 0.90
C ALA A 86 5.43 -17.60 0.84
N ASN A 87 5.43 -17.06 -0.38
CA ASN A 87 5.51 -15.62 -0.60
C ASN A 87 4.23 -14.91 -0.11
N PRO A 88 4.33 -13.61 0.24
CA PRO A 88 3.08 -12.88 0.43
C PRO A 88 2.22 -12.85 -0.84
N ALA A 89 0.92 -12.74 -0.65
CA ALA A 89 0.00 -12.55 -1.78
C ALA A 89 0.12 -11.16 -2.41
N VAL A 90 0.35 -10.15 -1.58
CA VAL A 90 0.47 -8.78 -2.05
C VAL A 90 1.88 -8.30 -1.76
N TYR A 91 2.50 -7.79 -2.81
CA TYR A 91 3.85 -7.25 -2.75
C TYR A 91 3.80 -5.73 -2.85
N GLY A 92 4.27 -5.06 -1.80
CA GLY A 92 4.40 -3.61 -1.82
C GLY A 92 5.78 -3.16 -2.22
N TRP A 93 5.81 -2.10 -3.02
CA TRP A 93 7.06 -1.47 -3.48
C TRP A 93 6.94 0.05 -3.36
N GLU A 94 8.07 0.72 -3.46
CA GLU A 94 8.18 2.13 -3.09
C GLU A 94 9.06 2.88 -4.08
N LEU A 95 8.56 4.00 -4.61
CA LEU A 95 9.25 4.67 -5.73
C LEU A 95 10.10 5.87 -5.35
N GLY A 96 10.08 6.28 -4.10
CA GLY A 96 10.77 7.52 -3.70
C GLY A 96 12.19 7.59 -4.20
N GLY A 97 12.50 8.68 -4.92
CA GLY A 97 13.78 8.86 -5.58
C GLY A 97 13.76 8.65 -7.08
N LEU A 98 12.77 7.90 -7.56
CA LEU A 98 12.63 7.68 -9.00
C LEU A 98 12.54 9.01 -9.74
N GLU A 99 11.86 9.96 -9.11
CA GLU A 99 11.55 11.23 -9.73
C GLU A 99 12.79 12.09 -9.88
N LEU A 100 13.85 11.71 -9.16
CA LEU A 100 15.13 12.43 -9.18
C LEU A 100 16.12 11.75 -10.10
N GLY A 101 15.63 10.75 -10.83
CA GLY A 101 16.46 9.99 -11.77
C GLY A 101 17.47 9.07 -11.10
N HIS A 102 17.23 8.76 -9.82
CA HIS A 102 18.09 7.83 -9.09
C HIS A 102 17.97 6.40 -9.58
N THR A 103 19.07 5.65 -9.48
CA THR A 103 19.10 4.25 -9.93
C THR A 103 18.49 3.35 -8.87
N ALA A 104 18.40 3.86 -7.65
CA ALA A 104 17.77 3.13 -6.55
C ALA A 104 16.94 4.07 -5.71
N ASN A 105 15.97 3.50 -5.02
CA ASN A 105 15.02 4.31 -4.25
C ASN A 105 15.62 4.75 -2.92
N LEU A 106 14.80 5.40 -2.10
CA LEU A 106 15.30 6.06 -0.90
C LEU A 106 15.80 5.07 0.15
N ASP A 107 15.42 3.80 0.00
CA ASP A 107 15.88 2.70 0.88
C ASP A 107 16.96 1.84 0.18
N ALA A 108 17.52 2.39 -0.89
CA ALA A 108 18.58 1.73 -1.67
C ALA A 108 18.14 0.48 -2.43
N VAL A 109 16.84 0.42 -2.74
CA VAL A 109 16.33 -0.66 -3.60
C VAL A 109 16.49 -0.29 -5.07
N ASN A 110 17.29 -1.07 -5.76
CA ASN A 110 17.59 -0.86 -7.17
C ASN A 110 16.35 -0.98 -8.02
N PHE A 111 16.11 0.03 -8.87
CA PHE A 111 14.85 0.10 -9.65
C PHE A 111 14.74 -1.00 -10.70
N GLU A 112 15.88 -1.38 -11.29
CA GLU A 112 15.88 -2.48 -12.25
C GLU A 112 15.54 -3.80 -11.57
N LYS A 113 16.10 -4.03 -10.37
CA LYS A 113 15.77 -5.24 -9.62
C LYS A 113 14.30 -5.20 -9.23
N MET A 114 13.83 -4.02 -8.88
CA MET A 114 12.44 -3.84 -8.48
C MET A 114 11.53 -4.24 -9.62
N GLN A 115 11.89 -3.84 -10.84
CA GLN A 115 11.04 -4.20 -11.97
C GLN A 115 11.03 -5.71 -12.14
N HIS A 116 12.20 -6.32 -11.95
CA HIS A 116 12.34 -7.76 -12.05
C HIS A 116 11.43 -8.46 -11.03
N TRP A 117 11.49 -7.96 -9.81
CA TRP A 117 10.73 -8.56 -8.69
C TRP A 117 9.21 -8.39 -8.88
N ILE A 118 8.81 -7.25 -9.41
CA ILE A 118 7.41 -6.98 -9.74
C ILE A 118 6.91 -7.97 -10.78
N LYS A 119 7.67 -8.14 -11.85
CA LYS A 119 7.29 -9.06 -12.91
C LYS A 119 7.26 -10.49 -12.39
N ALA A 120 8.22 -10.83 -11.54
CA ALA A 120 8.30 -12.19 -10.96
C ALA A 120 7.08 -12.49 -10.10
N GLY A 121 6.72 -11.56 -9.22
CA GLY A 121 5.59 -11.75 -8.33
C GLY A 121 4.30 -11.87 -9.12
N TYR A 122 4.13 -10.99 -10.07
CA TYR A 122 2.94 -11.00 -10.94
C TYR A 122 2.87 -12.32 -11.71
N SER A 123 4.02 -12.79 -12.19
CA SER A 123 4.05 -14.03 -12.98
C SER A 123 3.54 -15.22 -12.16
N ARG A 124 3.71 -15.14 -10.84
CA ARG A 124 3.27 -16.21 -9.93
C ARG A 124 1.84 -16.01 -9.48
N GLY A 125 1.22 -14.93 -9.93
CA GLY A 125 -0.17 -14.63 -9.59
C GLY A 125 -0.36 -13.70 -8.42
N GLY A 126 0.74 -13.15 -7.92
CA GLY A 126 0.68 -12.18 -6.86
C GLY A 126 0.15 -10.83 -7.30
N VAL A 127 -0.19 -10.04 -6.28
CA VAL A 127 -0.68 -8.67 -6.46
C VAL A 127 0.42 -7.65 -6.16
N ILE A 128 0.44 -6.59 -6.96
CA ILE A 128 1.46 -5.54 -6.87
C ILE A 128 0.83 -4.25 -6.38
N THR A 129 1.41 -3.66 -5.33
CA THR A 129 1.03 -2.30 -4.90
C THR A 129 2.25 -1.40 -4.73
N ILE A 130 2.10 -0.13 -5.12
CA ILE A 130 3.20 0.82 -5.10
C ILE A 130 2.83 2.12 -4.41
N SER A 131 3.66 2.51 -3.45
CA SER A 131 3.59 3.81 -2.78
C SER A 131 4.75 4.69 -3.22
N TRP A 132 4.68 5.97 -2.85
CA TRP A 132 5.65 6.94 -3.38
C TRP A 132 5.92 8.08 -2.43
N HIS A 133 7.00 7.91 -1.67
CA HIS A 133 7.50 8.95 -0.79
C HIS A 133 8.25 9.99 -1.63
N VAL A 134 7.48 10.86 -2.27
CA VAL A 134 8.05 11.86 -3.20
C VAL A 134 8.88 12.89 -2.44
N PHE A 135 10.08 13.13 -2.96
CA PHE A 135 10.99 14.14 -2.39
C PHE A 135 10.38 15.54 -2.53
N ASN A 136 10.75 16.41 -1.59
CA ASN A 136 10.26 17.78 -1.57
C ASN A 136 10.86 18.62 -2.69
N PRO A 137 10.00 19.10 -3.61
CA PRO A 137 10.57 19.76 -4.77
C PRO A 137 11.04 21.16 -4.46
N VAL A 138 10.57 21.72 -3.36
CA VAL A 138 10.93 23.11 -2.97
C VAL A 138 12.30 23.11 -2.25
N SER A 139 12.47 22.20 -1.30
CA SER A 139 13.65 22.22 -0.43
C SER A 139 14.71 21.22 -0.82
N GLY A 140 14.30 20.20 -1.55
CA GLY A 140 15.19 19.09 -1.91
C GLY A 140 15.26 18.04 -0.81
N GLY A 141 14.56 18.30 0.29
CA GLY A 141 14.42 17.33 1.36
C GLY A 141 13.59 16.13 0.93
N ASN A 142 13.44 15.15 1.82
CA ASN A 142 12.60 13.97 1.56
C ASN A 142 11.18 14.27 1.94
N SER A 143 10.32 13.24 1.96
CA SER A 143 8.89 13.44 2.14
C SER A 143 8.57 14.03 3.52
N TRP A 144 9.48 13.81 4.46
CA TRP A 144 9.28 14.23 5.85
C TRP A 144 9.77 15.65 6.10
N ASP A 145 10.36 16.25 5.08
CA ASP A 145 10.64 17.69 5.08
C ASP A 145 9.32 18.38 4.73
N LYS A 146 8.79 19.09 5.71
CA LYS A 146 7.43 19.62 5.66
C LYS A 146 7.31 20.95 4.94
N THR A 147 8.40 21.39 4.32
CA THR A 147 8.39 22.64 3.56
C THR A 147 7.22 22.62 2.55
N PRO A 148 6.30 23.60 2.61
CA PRO A 148 5.16 23.51 1.69
C PRO A 148 5.55 23.50 0.21
N ALA A 149 4.82 22.69 -0.56
CA ALA A 149 5.12 22.46 -1.97
C ALA A 149 3.91 22.14 -2.86
N VAL A 150 2.82 21.69 -2.26
CA VAL A 150 1.66 21.25 -3.07
C VAL A 150 1.17 22.38 -3.96
N HIS A 151 1.03 23.56 -3.38
CA HIS A 151 0.58 24.74 -4.12
C HIS A 151 1.44 25.04 -5.36
N GLU A 152 2.73 24.77 -5.25
CA GLU A 152 3.66 24.98 -6.37
C GLU A 152 3.47 23.96 -7.47
N LEU A 153 3.03 22.75 -7.09
CA LEU A 153 3.02 21.60 -8.01
C LEU A 153 1.74 21.43 -8.81
N ILE A 154 0.62 21.87 -8.24
CA ILE A 154 -0.70 21.67 -8.86
C ILE A 154 -0.84 22.55 -10.11
N PRO A 155 -1.83 22.24 -10.96
CA PRO A 155 -1.99 23.09 -12.13
C PRO A 155 -2.09 24.57 -11.77
N GLY A 156 -1.34 25.37 -12.52
CA GLY A 156 -1.26 26.80 -12.28
C GLY A 156 -0.12 27.21 -11.37
N GLY A 157 0.42 26.24 -10.65
CA GLY A 157 1.53 26.53 -9.75
C GLY A 157 2.83 26.68 -10.50
N ALA A 158 3.76 27.42 -9.88
CA ALA A 158 5.03 27.73 -10.53
C ALA A 158 5.89 26.50 -10.86
N ARG A 159 5.69 25.40 -10.15
CA ARG A 159 6.47 24.19 -10.39
C ARG A 159 5.62 23.05 -10.95
N HIS A 160 4.55 23.39 -11.67
CA HIS A 160 3.67 22.37 -12.23
C HIS A 160 4.43 21.50 -13.23
N ALA A 161 5.37 22.10 -13.95
CA ALA A 161 6.16 21.32 -14.92
C ALA A 161 6.96 20.24 -14.19
N THR A 162 7.39 20.55 -12.97
CA THR A 162 8.13 19.60 -12.14
C THR A 162 7.25 18.41 -11.76
N LEU A 163 6.00 18.67 -11.43
CA LEU A 163 5.09 17.56 -11.12
C LEU A 163 4.95 16.65 -12.34
N LYS A 164 4.81 17.25 -13.50
CA LYS A 164 4.70 16.46 -14.74
C LYS A 164 5.94 15.61 -14.95
N ALA A 165 7.09 16.23 -14.71
CA ALA A 165 8.37 15.54 -14.87
C ALA A 165 8.45 14.35 -13.93
N TYR A 166 8.00 14.58 -12.70
CA TYR A 166 8.02 13.54 -11.68
C TYR A 166 7.14 12.37 -12.10
N LEU A 167 5.92 12.66 -12.54
CA LEU A 167 4.99 11.61 -12.91
C LEU A 167 5.47 10.87 -14.16
N ASP A 168 6.14 11.60 -15.04
CA ASP A 168 6.70 10.99 -16.24
C ASP A 168 7.66 9.87 -15.88
N THR A 169 8.36 10.01 -14.74
CA THR A 169 9.35 8.99 -14.35
C THR A 169 8.64 7.70 -14.01
N PHE A 170 7.41 7.80 -13.49
CA PHE A 170 6.63 6.59 -13.21
C PHE A 170 6.11 6.01 -14.52
N VAL A 171 5.70 6.87 -15.43
CA VAL A 171 5.24 6.41 -16.74
C VAL A 171 6.34 5.55 -17.36
N ALA A 172 7.58 6.01 -17.26
CA ALA A 172 8.72 5.28 -17.85
C ALA A 172 9.00 4.00 -17.09
N PHE A 173 8.89 4.06 -15.78
CA PHE A 173 9.07 2.86 -14.93
C PHE A 173 8.04 1.77 -15.30
N ASN A 174 6.80 2.22 -15.50
CA ASN A 174 5.70 1.32 -15.83
C ASN A 174 5.91 0.66 -17.19
N GLU A 175 6.44 1.42 -18.14
CA GLU A 175 6.78 0.90 -19.47
C GLU A 175 7.78 -0.24 -19.34
N GLY A 176 8.67 -0.08 -18.37
CA GLY A 176 9.70 -1.08 -18.10
C GLY A 176 9.13 -2.40 -17.61
N LEU A 177 7.88 -2.38 -17.17
CA LEU A 177 7.23 -3.58 -16.66
C LEU A 177 6.54 -4.39 -17.75
N ALA A 178 6.40 -3.77 -18.92
CA ALA A 178 5.58 -4.32 -19.99
C ALA A 178 6.31 -5.38 -20.82
N ASP A 179 5.56 -6.40 -21.20
CA ASP A 179 6.00 -7.36 -22.20
C ASP A 179 5.23 -7.09 -23.47
N VAL A 180 5.91 -7.21 -24.60
CA VAL A 180 5.23 -7.11 -25.90
C VAL A 180 5.22 -8.49 -26.55
N ASP A 181 4.04 -8.94 -26.94
CA ASP A 181 3.89 -10.29 -27.49
C ASP A 181 4.26 -10.26 -28.98
N ALA A 182 4.13 -11.40 -29.64
CA ALA A 182 4.61 -11.55 -31.02
C ALA A 182 3.78 -10.71 -31.98
N GLN A 183 2.56 -10.41 -31.57
CA GLN A 183 1.66 -9.59 -32.41
C GLN A 183 1.76 -8.11 -32.15
N GLY A 184 2.55 -7.76 -31.15
CA GLY A 184 2.76 -6.37 -30.80
C GLY A 184 1.82 -5.82 -29.74
N ASN A 185 0.98 -6.68 -29.16
CA ASN A 185 0.16 -6.27 -27.98
C ASN A 185 1.04 -6.16 -26.74
N LYS A 186 0.81 -5.11 -25.97
CA LYS A 186 1.63 -4.84 -24.78
C LYS A 186 0.87 -5.30 -23.57
N HIS A 187 1.57 -5.95 -22.66
CA HIS A 187 0.95 -6.51 -21.47
C HIS A 187 1.65 -6.00 -20.21
N TYR A 188 0.86 -5.47 -19.28
CA TYR A 188 1.38 -4.89 -18.04
C TYR A 188 0.83 -5.61 -16.81
N PRO A 189 1.60 -5.63 -15.72
CA PRO A 189 1.04 -6.04 -14.42
C PRO A 189 0.08 -4.98 -13.95
N PRO A 190 -1.11 -5.37 -13.52
CA PRO A 190 -1.88 -4.36 -12.80
C PRO A 190 -1.13 -3.91 -11.55
N ILE A 191 -1.33 -2.64 -11.23
CA ILE A 191 -0.73 -2.03 -10.03
C ILE A 191 -1.76 -1.28 -9.21
N ILE A 192 -1.80 -1.59 -7.92
CA ILE A 192 -2.58 -0.78 -6.96
C ILE A 192 -1.66 0.37 -6.57
N PHE A 193 -1.89 1.51 -7.20
CA PHE A 193 -1.06 2.71 -7.06
C PHE A 193 -1.63 3.52 -5.91
N ARG A 194 -0.79 3.80 -4.92
CA ARG A 194 -1.24 4.36 -3.65
C ARG A 194 -0.41 5.61 -3.30
N PRO A 195 -0.69 6.71 -4.00
CA PRO A 195 0.09 7.93 -3.86
C PRO A 195 -0.39 8.83 -2.75
N TRP A 196 0.46 9.77 -2.39
CA TRP A 196 0.08 10.90 -1.52
C TRP A 196 -0.62 10.40 -0.25
N HIS A 197 -0.05 9.38 0.36
CA HIS A 197 -0.72 8.66 1.46
C HIS A 197 -0.62 9.39 2.79
N GLU A 198 -1.49 9.03 3.72
CA GLU A 198 -1.46 9.55 5.09
C GLU A 198 -1.48 11.07 5.13
N HIS A 199 -2.26 11.62 4.23
CA HIS A 199 -2.32 13.05 3.96
C HIS A 199 -3.04 13.80 5.06
N ASN A 200 -3.73 13.06 5.92
CA ASN A 200 -4.38 13.65 7.11
C ASN A 200 -3.42 13.80 8.27
N GLY A 201 -2.27 13.15 8.16
CA GLY A 201 -1.18 13.36 9.10
C GLY A 201 -0.43 14.62 8.71
N ASP A 202 0.48 15.05 9.58
CA ASP A 202 1.21 16.30 9.39
C ASP A 202 2.69 16.03 9.20
N TRP A 203 3.01 14.78 8.87
CA TRP A 203 4.41 14.36 8.81
C TRP A 203 5.01 14.46 7.40
N PHE A 204 4.16 14.46 6.38
CA PHE A 204 4.61 14.62 4.99
C PHE A 204 4.30 16.02 4.49
N TRP A 205 5.08 16.50 3.52
CA TRP A 205 4.84 17.85 2.99
C TRP A 205 3.49 18.02 2.30
N TRP A 206 2.85 16.92 1.91
CA TRP A 206 1.53 17.00 1.28
C TRP A 206 0.43 16.84 2.32
N GLY A 207 0.85 16.85 3.58
CA GLY A 207 -0.07 16.59 4.68
C GLY A 207 -0.77 17.79 5.27
N LYS A 208 -1.71 17.47 6.14
CA LYS A 208 -2.50 18.47 6.87
C LYS A 208 -1.58 19.38 7.65
N GLY A 209 -1.73 20.67 7.41
CA GLY A 209 -0.89 21.67 8.04
C GLY A 209 0.12 22.27 7.11
N HIS A 210 0.39 21.57 6.00
CA HIS A 210 1.43 22.01 5.06
C HIS A 210 0.88 22.23 3.66
N ALA A 211 -0.30 21.67 3.41
CA ALA A 211 -1.06 21.85 2.16
C ALA A 211 -2.52 22.07 2.49
N SER A 212 -3.16 23.02 1.82
CA SER A 212 -4.58 23.22 2.03
C SER A 212 -5.30 21.99 1.52
N GLU A 213 -6.46 21.73 2.11
CA GLU A 213 -7.25 20.57 1.72
C GLU A 213 -7.57 20.63 0.22
N GLN A 214 -7.97 21.81 -0.25
CA GLN A 214 -8.38 21.98 -1.65
C GLN A 214 -7.18 21.74 -2.58
N ASP A 215 -6.01 22.19 -2.16
CA ASP A 215 -4.80 21.97 -2.99
C ASP A 215 -4.44 20.49 -3.02
N TYR A 216 -4.61 19.80 -1.90
CA TYR A 216 -4.36 18.35 -1.87
C TYR A 216 -5.26 17.65 -2.89
N ILE A 217 -6.53 18.03 -2.88
CA ILE A 217 -7.54 17.44 -3.77
C ILE A 217 -7.14 17.70 -5.22
N ALA A 218 -6.69 18.92 -5.49
CA ALA A 218 -6.20 19.28 -6.83
C ALA A 218 -5.02 18.42 -7.25
N LEU A 219 -4.12 18.15 -6.32
CA LEU A 219 -2.92 17.32 -6.59
C LEU A 219 -3.37 15.88 -6.94
N TRP A 220 -4.32 15.37 -6.18
CA TRP A 220 -4.78 14.00 -6.41
C TRP A 220 -5.45 13.89 -7.76
N ARG A 221 -6.34 14.85 -8.04
CA ARG A 221 -7.15 14.80 -9.24
C ARG A 221 -6.26 14.93 -10.46
N PHE A 222 -5.24 15.79 -10.36
CA PHE A 222 -4.30 15.96 -11.46
C PHE A 222 -3.52 14.69 -11.68
N THR A 223 -3.11 14.03 -10.60
CA THR A 223 -2.35 12.76 -10.71
C THR A 223 -3.13 11.73 -11.54
N VAL A 224 -4.42 11.59 -11.21
CA VAL A 224 -5.29 10.69 -11.96
C VAL A 224 -5.43 11.13 -13.40
N HIS A 225 -5.72 12.41 -13.62
CA HIS A 225 -5.92 12.87 -14.98
C HIS A 225 -4.69 12.66 -15.82
N TYR A 226 -3.53 12.94 -15.24
CA TYR A 226 -2.29 12.92 -16.00
C TYR A 226 -1.99 11.47 -16.37
N LEU A 227 -2.12 10.58 -15.41
CA LEU A 227 -1.73 9.19 -15.66
C LEU A 227 -2.78 8.45 -16.49
N ARG A 228 -4.05 8.63 -16.16
CA ARG A 228 -5.14 7.89 -16.82
C ARG A 228 -5.50 8.50 -18.17
N ASP A 229 -5.57 9.81 -18.22
CA ASP A 229 -6.18 10.49 -19.36
C ASP A 229 -5.15 11.05 -20.33
N GLU A 230 -4.15 11.73 -19.81
CA GLU A 230 -3.13 12.32 -20.68
C GLU A 230 -2.16 11.24 -21.17
N LYS A 231 -1.71 10.40 -20.24
CA LYS A 231 -0.67 9.41 -20.55
C LYS A 231 -1.24 8.03 -20.90
N LYS A 232 -2.54 7.87 -20.68
CA LYS A 232 -3.27 6.66 -21.10
C LYS A 232 -2.77 5.37 -20.46
N LEU A 233 -2.27 5.46 -19.23
CA LEU A 233 -2.02 4.25 -18.41
C LEU A 233 -3.34 3.57 -18.07
N ARG A 234 -3.39 2.26 -18.33
CA ARG A 234 -4.63 1.47 -18.24
C ARG A 234 -4.52 0.34 -17.23
N ASN A 235 -3.37 0.25 -16.57
CA ASN A 235 -3.09 -0.85 -15.65
C ASN A 235 -3.05 -0.45 -14.17
N LEU A 236 -3.72 0.67 -13.85
CA LEU A 236 -3.70 1.20 -12.50
C LEU A 236 -5.06 1.11 -11.80
N ILE A 237 -4.94 0.76 -10.53
CA ILE A 237 -6.02 0.81 -9.56
C ILE A 237 -5.58 1.79 -8.47
N TYR A 238 -6.40 2.80 -8.19
CA TYR A 238 -5.99 3.89 -7.33
C TYR A 238 -6.45 3.72 -5.89
N ALA A 239 -5.48 3.70 -4.98
CA ALA A 239 -5.72 3.55 -3.53
C ALA A 239 -5.46 4.82 -2.73
N TYR A 240 -6.46 5.15 -1.94
CA TYR A 240 -6.53 6.28 -1.02
C TYR A 240 -6.27 5.74 0.40
N SER A 241 -5.42 6.41 1.17
CA SER A 241 -4.98 5.82 2.45
C SER A 241 -4.62 6.81 3.60
N PRO A 242 -5.65 7.36 4.24
CA PRO A 242 -5.46 8.13 5.47
C PRO A 242 -4.85 7.29 6.57
N ASP A 243 -4.26 7.99 7.53
CA ASP A 243 -3.74 7.40 8.75
C ASP A 243 -4.82 7.40 9.81
N ARG A 244 -4.97 6.24 10.45
CA ARG A 244 -5.96 6.04 11.49
C ARG A 244 -5.66 6.88 12.74
N SER A 245 -4.38 7.09 13.04
CA SER A 245 -4.02 7.71 14.31
C SER A 245 -4.53 9.16 14.38
N ARG A 246 -4.76 9.77 13.21
CA ARG A 246 -5.21 11.15 13.14
C ARG A 246 -6.65 11.21 12.64
N ILE A 247 -7.37 10.15 12.95
CA ILE A 247 -8.82 10.14 12.79
C ILE A 247 -9.46 9.99 14.17
N ASP A 248 -10.45 10.83 14.41
CA ASP A 248 -11.25 10.78 15.65
C ASP A 248 -12.27 9.68 15.54
N MET A 249 -12.20 8.72 16.44
CA MET A 249 -13.06 7.54 16.35
C MET A 249 -14.53 7.93 16.55
N ALA A 250 -14.76 9.08 17.17
CA ALA A 250 -16.13 9.55 17.43
C ALA A 250 -16.70 10.26 16.20
N ASN A 251 -15.83 10.54 15.23
CA ASN A 251 -16.23 11.20 13.99
C ASN A 251 -15.43 10.62 12.82
N PHE A 252 -15.53 9.31 12.69
CA PHE A 252 -14.61 8.55 11.84
C PHE A 252 -14.73 8.93 10.37
N GLU A 253 -15.96 8.91 9.85
CA GLU A 253 -16.15 9.16 8.43
C GLU A 253 -15.65 10.55 8.03
N ALA A 254 -15.94 11.55 8.86
CA ALA A 254 -15.55 12.92 8.55
C ALA A 254 -14.05 13.02 8.53
N GLY A 255 -13.41 12.31 9.45
CA GLY A 255 -11.94 12.33 9.56
C GLY A 255 -11.31 11.63 8.37
N TYR A 256 -11.94 10.51 8.01
CA TYR A 256 -11.46 9.65 6.90
C TYR A 256 -11.52 10.42 5.59
N LEU A 257 -12.55 11.26 5.46
CA LEU A 257 -12.83 11.95 4.19
C LEU A 257 -12.18 13.32 4.09
N TYR A 258 -11.39 13.68 5.10
CA TYR A 258 -10.52 14.85 4.95
C TYR A 258 -9.68 14.69 3.70
N GLY A 259 -9.82 15.63 2.77
CA GLY A 259 -8.97 15.66 1.56
C GLY A 259 -9.36 14.58 0.56
N TYR A 260 -10.52 13.98 0.77
CA TYR A 260 -11.00 12.95 -0.17
C TYR A 260 -11.33 13.58 -1.52
N PRO A 261 -10.73 13.03 -2.60
CA PRO A 261 -10.82 13.69 -3.90
C PRO A 261 -12.09 13.42 -4.68
N GLY A 262 -12.88 12.48 -4.19
CA GLY A 262 -14.12 12.07 -4.86
C GLY A 262 -14.08 10.65 -5.42
N ASP A 263 -15.26 10.06 -5.51
CA ASP A 263 -15.42 8.67 -5.98
C ASP A 263 -14.84 8.44 -7.39
N ALA A 264 -14.79 9.48 -8.22
CA ALA A 264 -14.28 9.32 -9.59
C ALA A 264 -12.77 9.27 -9.64
N TYR A 265 -12.13 9.33 -8.46
CA TYR A 265 -10.66 9.35 -8.41
C TYR A 265 -10.05 8.30 -7.48
N VAL A 266 -10.89 7.41 -6.96
CA VAL A 266 -10.49 6.39 -5.98
C VAL A 266 -11.12 5.05 -6.28
N ASP A 267 -10.29 3.99 -6.24
CA ASP A 267 -10.79 2.61 -6.40
C ASP A 267 -10.77 1.81 -5.09
N ILE A 268 -9.74 2.03 -4.28
CA ILE A 268 -9.60 1.32 -3.03
CA ILE A 268 -9.54 1.32 -3.02
C ILE A 268 -9.61 2.29 -1.86
N ILE A 269 -10.49 1.98 -0.92
CA ILE A 269 -10.72 2.72 0.31
C ILE A 269 -9.78 2.09 1.36
N GLY A 270 -8.58 2.66 1.40
CA GLY A 270 -7.50 2.13 2.22
C GLY A 270 -7.36 2.84 3.55
N LEU A 271 -6.40 2.36 4.33
CA LEU A 271 -6.16 2.85 5.68
C LEU A 271 -4.83 2.33 6.18
N ASP A 272 -4.05 3.26 6.72
CA ASP A 272 -2.82 2.93 7.41
C ASP A 272 -3.11 3.03 8.90
N ASN A 273 -2.98 1.89 9.59
CA ASN A 273 -3.29 1.79 11.02
C ASN A 273 -2.22 0.98 11.75
N TYR A 274 -1.21 1.68 12.27
CA TYR A 274 -0.24 1.11 13.20
C TYR A 274 -0.67 1.41 14.64
N TRP A 275 -1.71 2.23 14.78
CA TRP A 275 -2.10 2.71 16.11
C TRP A 275 -2.76 1.62 16.98
N ASP A 276 -3.74 0.92 16.41
CA ASP A 276 -4.57 -0.04 17.15
C ASP A 276 -3.93 -1.44 17.28
N VAL A 277 -2.69 -1.54 16.82
CA VAL A 277 -1.95 -2.80 16.83
C VAL A 277 -0.72 -2.71 17.71
N GLY A 278 -0.80 -1.83 18.70
CA GLY A 278 0.16 -1.84 19.81
C GLY A 278 1.22 -0.77 19.80
N HIS A 279 0.95 0.32 19.09
CA HIS A 279 1.87 1.46 19.05
C HIS A 279 2.29 1.85 20.46
N GLU A 280 3.59 2.08 20.64
CA GLU A 280 4.13 2.27 21.99
C GLU A 280 3.56 3.49 22.71
N ALA A 281 3.06 4.45 21.96
CA ALA A 281 2.53 5.72 22.50
C ALA A 281 1.05 5.59 22.82
N ASN A 282 0.46 4.48 22.41
CA ASN A 282 -0.95 4.22 22.65
C ASN A 282 -1.17 3.63 24.04
N THR A 283 -1.82 4.39 24.92
CA THR A 283 -2.01 3.98 26.31
C THR A 283 -3.30 3.19 26.51
N ALA A 284 -4.05 2.98 25.42
CA ALA A 284 -5.25 2.15 25.51
C ALA A 284 -4.83 0.72 25.81
N SER A 285 -5.68 0.00 26.53
CA SER A 285 -5.40 -1.40 26.85
C SER A 285 -5.47 -2.23 25.57
N ALA A 286 -4.93 -3.43 25.65
CA ALA A 286 -4.91 -4.35 24.52
C ALA A 286 -6.32 -4.61 24.03
N ASP A 287 -7.21 -4.87 24.98
CA ASP A 287 -8.62 -5.15 24.63
C ASP A 287 -9.23 -3.93 23.94
N GLU A 288 -8.86 -2.74 24.40
CA GLU A 288 -9.42 -1.50 23.84
C GLU A 288 -8.87 -1.26 22.42
N GLN A 289 -7.62 -1.64 22.23
CA GLN A 289 -6.97 -1.45 20.92
C GLN A 289 -7.59 -2.42 19.91
N LYS A 290 -7.74 -3.66 20.34
CA LYS A 290 -8.37 -4.65 19.49
C LYS A 290 -9.74 -4.14 19.03
N ALA A 291 -10.49 -3.55 19.95
CA ALA A 291 -11.87 -3.13 19.67
C ALA A 291 -11.83 -1.97 18.69
N ALA A 292 -10.83 -1.12 18.85
CA ALA A 292 -10.68 0.06 17.98
C ALA A 292 -10.29 -0.38 16.58
N LEU A 293 -9.49 -1.42 16.48
CA LEU A 293 -9.03 -1.90 15.15
C LEU A 293 -10.27 -2.39 14.44
N THR A 294 -11.03 -3.23 15.13
CA THR A 294 -12.28 -3.76 14.58
C THR A 294 -13.22 -2.62 14.15
N ALA A 295 -13.32 -1.59 14.97
CA ALA A 295 -14.27 -0.51 14.72
C ALA A 295 -13.81 0.31 13.54
N SER A 296 -12.50 0.46 13.42
CA SER A 296 -11.96 1.29 12.34
C SER A 296 -12.26 0.57 11.01
N LEU A 297 -12.10 -0.75 11.03
CA LEU A 297 -12.25 -1.54 9.79
C LEU A 297 -13.72 -1.70 9.44
N LYS A 298 -14.57 -1.78 10.46
CA LYS A 298 -16.00 -1.84 10.25
C LYS A 298 -16.44 -0.57 9.50
N GLN A 299 -15.94 0.57 9.97
CA GLN A 299 -16.37 1.85 9.44
C GLN A 299 -15.78 2.02 8.05
N LEU A 300 -14.58 1.50 7.87
CA LEU A 300 -13.88 1.61 6.59
C LEU A 300 -14.66 0.86 5.54
N VAL A 301 -15.04 -0.35 5.91
CA VAL A 301 -15.88 -1.19 5.04
C VAL A 301 -17.23 -0.56 4.70
N GLN A 302 -17.86 0.05 5.68
CA GLN A 302 -19.16 0.71 5.44
C GLN A 302 -19.03 1.87 4.45
N ILE A 303 -17.92 2.61 4.56
CA ILE A 303 -17.62 3.71 3.66
C ILE A 303 -17.40 3.16 2.25
N ALA A 304 -16.62 2.09 2.14
CA ALA A 304 -16.32 1.52 0.82
C ALA A 304 -17.60 0.97 0.20
N ARG A 305 -18.42 0.34 1.02
CA ARG A 305 -19.66 -0.28 0.52
C ARG A 305 -20.57 0.82 -0.02
N SER A 306 -20.65 1.93 0.71
CA SER A 306 -21.52 3.03 0.30
C SER A 306 -21.09 3.66 -1.02
N LYS A 307 -19.79 3.58 -1.30
CA LYS A 307 -19.21 4.23 -2.48
C LYS A 307 -18.98 3.27 -3.62
N GLY A 308 -19.33 2.02 -3.40
CA GLY A 308 -19.11 0.97 -4.39
C GLY A 308 -17.65 0.65 -4.64
N LYS A 309 -16.85 0.73 -3.59
CA LYS A 309 -15.43 0.47 -3.66
C LYS A 309 -15.08 -0.77 -2.83
N ILE A 310 -13.78 -1.01 -2.70
CA ILE A 310 -13.25 -2.12 -1.92
C ILE A 310 -12.34 -1.54 -0.87
N ALA A 311 -12.44 -2.06 0.34
CA ALA A 311 -11.61 -1.60 1.47
C ALA A 311 -10.42 -2.51 1.71
N ALA A 312 -9.36 -1.91 2.22
CA ALA A 312 -8.13 -2.64 2.54
C ALA A 312 -7.35 -1.93 3.65
N LEU A 313 -6.65 -2.73 4.45
CA LEU A 313 -5.74 -2.22 5.46
C LEU A 313 -4.38 -2.17 4.81
N THR A 314 -4.06 -1.01 4.24
CA THR A 314 -2.97 -0.83 3.31
C THR A 314 -1.59 -0.73 3.98
N GLU A 315 -1.57 -0.37 5.26
CA GLU A 315 -0.33 -0.42 6.08
C GLU A 315 -0.72 -0.69 7.52
N THR A 316 0.03 -1.61 8.10
CA THR A 316 -0.09 -1.92 9.52
C THR A 316 1.15 -2.66 9.98
N GLY A 317 1.13 -3.03 11.26
CA GLY A 317 2.18 -3.86 11.83
C GLY A 317 2.66 -3.43 13.19
N ASN A 318 3.36 -4.36 13.83
CA ASN A 318 4.00 -4.13 15.12
C ASN A 318 5.50 -4.13 14.92
N ASN A 319 6.09 -2.94 15.01
CA ASN A 319 7.51 -2.75 14.77
C ASN A 319 8.33 -3.60 15.73
N ARG A 320 9.18 -4.44 15.13
CA ARG A 320 10.07 -5.38 15.84
CA ARG A 320 10.08 -5.37 15.85
C ARG A 320 9.35 -6.56 16.47
N LEU A 321 8.06 -6.62 16.22
CA LEU A 321 7.24 -7.80 16.57
C LEU A 321 7.48 -8.26 18.00
N THR A 322 7.22 -7.32 18.90
CA THR A 322 7.46 -7.46 20.34
C THR A 322 6.24 -7.98 21.05
N ILE A 323 5.15 -8.10 20.30
CA ILE A 323 3.85 -8.49 20.88
C ILE A 323 3.58 -9.99 20.67
N ASP A 324 3.47 -10.72 21.78
CA ASP A 324 3.26 -12.18 21.70
C ASP A 324 2.00 -12.44 20.90
N ASN A 325 2.06 -13.43 20.01
CA ASN A 325 0.94 -13.87 19.21
C ASN A 325 0.26 -12.74 18.44
N PHE A 326 1.08 -11.82 17.98
CA PHE A 326 0.60 -10.64 17.29
C PHE A 326 -0.36 -10.97 16.17
N TRP A 327 -0.01 -11.98 15.40
CA TRP A 327 -0.69 -12.24 14.11
C TRP A 327 -2.12 -12.71 14.33
N THR A 328 -2.26 -13.68 15.21
CA THR A 328 -3.59 -14.25 15.46
C THR A 328 -4.38 -13.36 16.41
N GLU A 329 -3.72 -12.83 17.43
CA GLU A 329 -4.43 -12.10 18.49
C GLU A 329 -4.69 -10.64 18.20
N ARG A 330 -3.76 -9.97 17.51
CA ARG A 330 -3.91 -8.52 17.34
C ARG A 330 -4.26 -8.11 15.92
N LEU A 331 -4.14 -9.02 14.98
CA LEU A 331 -4.46 -8.73 13.59
C LEU A 331 -5.64 -9.55 13.10
N LEU A 332 -5.46 -10.86 12.97
CA LEU A 332 -6.52 -11.72 12.44
C LEU A 332 -7.76 -11.71 13.34
N GLY A 333 -7.55 -11.82 14.64
CA GLY A 333 -8.68 -11.86 15.57
C GLY A 333 -9.63 -10.68 15.43
N PRO A 334 -9.10 -9.47 15.53
CA PRO A 334 -9.96 -8.29 15.44
C PRO A 334 -10.57 -8.06 14.06
N ILE A 335 -9.89 -8.49 13.01
CA ILE A 335 -10.44 -8.40 11.65
C ILE A 335 -11.64 -9.33 11.54
N SER A 336 -11.53 -10.48 12.19
CA SER A 336 -12.54 -11.54 12.06
C SER A 336 -13.68 -11.38 13.04
N ALA A 337 -13.53 -10.44 13.97
CA ALA A 337 -14.47 -10.29 15.11
C ALA A 337 -15.79 -9.60 14.74
N ASP A 338 -15.84 -9.00 13.56
CA ASP A 338 -17.02 -8.28 13.07
C ASP A 338 -17.22 -8.58 11.58
N ALA A 339 -18.46 -8.89 11.20
CA ALA A 339 -18.79 -9.26 9.82
C ALA A 339 -18.34 -8.22 8.80
N ASP A 340 -18.61 -6.96 9.11
CA ASP A 340 -18.22 -5.85 8.23
C ASP A 340 -16.69 -5.72 8.18
N ALA A 341 -16.06 -5.68 9.35
CA ALA A 341 -14.59 -5.52 9.43
C ALA A 341 -13.89 -6.58 8.57
N SER A 342 -14.47 -7.76 8.56
CA SER A 342 -13.86 -8.91 7.88
C SER A 342 -13.88 -8.74 6.36
N GLU A 343 -14.67 -7.81 5.86
CA GLU A 343 -14.83 -7.63 4.41
C GLU A 343 -13.72 -6.80 3.77
N ILE A 344 -12.69 -6.43 4.54
CA ILE A 344 -11.48 -5.90 3.88
C ILE A 344 -10.87 -7.00 3.01
N ALA A 345 -10.26 -6.56 1.91
CA ALA A 345 -9.71 -7.48 0.90
C ALA A 345 -8.29 -7.96 1.18
N TYR A 346 -7.48 -7.07 1.77
CA TYR A 346 -6.09 -7.39 2.07
C TYR A 346 -5.54 -6.53 3.21
N VAL A 347 -4.42 -7.00 3.73
CA VAL A 347 -3.67 -6.34 4.79
C VAL A 347 -2.19 -6.40 4.44
N MET A 348 -1.53 -5.25 4.50
CA MET A 348 -0.10 -5.22 4.24
C MET A 348 0.69 -4.70 5.42
N VAL A 349 1.76 -5.42 5.75
CA VAL A 349 2.69 -4.96 6.78
C VAL A 349 3.95 -4.41 6.14
N TRP A 350 4.60 -3.51 6.86
CA TRP A 350 5.71 -2.77 6.30
C TRP A 350 7.01 -3.61 6.25
N ARG A 351 8.08 -2.95 5.79
CA ARG A 351 9.30 -3.63 5.38
C ARG A 351 10.13 -4.19 6.52
N ASN A 352 10.97 -5.16 6.14
CA ASN A 352 11.91 -5.81 7.05
C ASN A 352 13.32 -5.27 6.80
N ALA A 353 13.57 -4.09 7.35
CA ALA A 353 14.82 -3.37 7.11
C ALA A 353 16.02 -4.23 7.44
N ASN A 354 17.01 -4.19 6.57
CA ASN A 354 18.25 -4.93 6.80
C ASN A 354 19.05 -4.28 7.93
N LEU A 355 19.28 -5.06 8.98
CA LEU A 355 19.94 -4.58 10.18
C LEU A 355 21.39 -4.17 9.92
N ALA A 356 22.10 -4.97 9.14
CA ALA A 356 23.52 -4.68 8.91
C ALA A 356 23.64 -3.36 8.18
N ARG A 357 22.73 -3.14 7.24
CA ARG A 357 22.81 -1.99 6.36
C ARG A 357 22.29 -0.73 7.03
N GLU A 358 21.15 -0.85 7.69
CA GLU A 358 20.43 0.31 8.21
C GLU A 358 20.78 0.65 9.66
N LYS A 359 21.40 -0.31 10.34
CA LYS A 359 22.07 -0.12 11.62
C LYS A 359 21.18 -0.25 12.85
N SER A 360 19.90 -0.47 12.63
CA SER A 360 18.99 -0.68 13.75
C SER A 360 17.86 -1.58 13.33
N GLU A 361 17.13 -2.05 14.31
CA GLU A 361 16.02 -2.96 14.08
C GLU A 361 14.75 -2.26 13.74
N GLN A 362 14.24 -2.57 12.56
CA GLN A 362 12.90 -2.17 12.12
C GLN A 362 12.35 -3.22 11.20
N PHE A 363 11.26 -3.85 11.60
CA PHE A 363 10.68 -4.92 10.78
C PHE A 363 9.27 -5.21 11.21
N PHE A 364 8.47 -5.73 10.28
CA PHE A 364 7.07 -5.95 10.55
C PHE A 364 6.54 -7.34 10.22
N ALA A 365 7.35 -8.11 9.48
CA ALA A 365 7.12 -9.55 9.31
C ALA A 365 8.21 -10.32 10.05
N PRO A 366 7.90 -11.54 10.47
CA PRO A 366 9.00 -12.24 11.12
C PRO A 366 10.03 -12.82 10.15
N PHE A 367 11.04 -13.40 10.75
CA PHE A 367 12.09 -14.15 10.06
C PHE A 367 12.41 -15.38 10.93
N PRO A 368 13.13 -16.36 10.38
CA PRO A 368 13.28 -17.56 11.19
C PRO A 368 13.95 -17.26 12.51
N GLY A 369 13.35 -17.78 13.59
CA GLY A 369 13.86 -17.58 14.94
C GLY A 369 13.23 -16.42 15.68
N GLN A 370 12.58 -15.53 14.93
CA GLN A 370 11.91 -14.38 15.55
C GLN A 370 10.75 -14.89 16.37
N ALA A 371 10.50 -14.20 17.48
CA ALA A 371 9.54 -14.66 18.47
C ALA A 371 8.15 -15.03 17.91
N THR A 372 7.67 -14.27 16.94
CA THR A 372 6.30 -14.42 16.49
C THR A 372 6.21 -15.35 15.29
N ALA A 373 7.31 -15.98 14.93
CA ALA A 373 7.37 -16.79 13.70
C ALA A 373 6.32 -17.91 13.67
N ASP A 374 6.16 -18.63 14.78
CA ASP A 374 5.22 -19.76 14.81
C ASP A 374 3.77 -19.29 14.76
N ASP A 375 3.50 -18.17 15.42
CA ASP A 375 2.15 -17.60 15.39
C ASP A 375 1.85 -17.15 13.96
N PHE A 376 2.89 -16.66 13.30
CA PHE A 376 2.78 -16.22 11.91
C PHE A 376 2.49 -17.41 11.00
N LYS A 377 3.12 -18.55 11.27
CA LYS A 377 2.83 -19.77 10.49
C LYS A 377 1.37 -20.17 10.66
N ARG A 378 0.85 -20.03 11.87
CA ARG A 378 -0.54 -20.43 12.15
C ARG A 378 -1.49 -19.43 11.51
N PHE A 379 -1.02 -18.19 11.43
CA PHE A 379 -1.76 -17.12 10.74
C PHE A 379 -1.89 -17.46 9.25
N TYR A 380 -0.77 -17.86 8.67
CA TYR A 380 -0.73 -18.37 7.29
C TYR A 380 -1.67 -19.56 7.13
N GLN A 381 -1.67 -20.44 8.12
CA GLN A 381 -2.48 -21.68 8.04
C GLN A 381 -3.98 -21.42 8.18
N SER A 382 -4.35 -20.22 8.60
CA SER A 382 -5.76 -19.82 8.64
C SER A 382 -6.38 -19.98 7.26
N GLU A 383 -7.58 -20.53 7.18
CA GLU A 383 -8.24 -20.63 5.88
C GLU A 383 -8.57 -19.26 5.31
N VAL A 384 -8.78 -18.32 6.22
CA VAL A 384 -9.16 -16.95 5.86
C VAL A 384 -8.02 -16.26 5.12
N VAL A 385 -6.82 -16.40 5.66
CA VAL A 385 -5.65 -15.66 5.17
C VAL A 385 -5.04 -16.39 3.98
N LEU A 386 -4.89 -15.67 2.88
CA LEU A 386 -4.30 -16.20 1.68
C LEU A 386 -2.95 -15.57 1.45
N PHE A 387 -1.95 -16.43 1.27
CA PHE A 387 -0.63 -16.01 0.75
C PHE A 387 -0.58 -16.35 -0.75
N GLU A 388 0.56 -16.13 -1.39
CA GLU A 388 0.66 -16.23 -2.86
C GLU A 388 0.25 -17.62 -3.36
N ASP A 389 0.68 -18.61 -2.60
CA ASP A 389 0.53 -20.02 -2.99
C ASP A 389 -0.92 -20.48 -2.94
N GLU A 390 -1.77 -19.70 -2.29
CA GLU A 390 -3.17 -20.09 -2.08
C GLU A 390 -4.15 -19.23 -2.88
N LEU A 391 -3.64 -18.32 -3.70
CA LEU A 391 -4.51 -17.42 -4.44
C LEU A 391 -5.23 -18.18 -5.55
N PRO A 392 -6.49 -17.83 -5.79
CA PRO A 392 -7.14 -18.26 -7.02
C PRO A 392 -6.55 -17.45 -8.17
N PRO A 393 -6.96 -17.74 -9.41
CA PRO A 393 -6.45 -16.96 -10.54
C PRO A 393 -7.08 -15.59 -10.60
N LEU A 394 -6.35 -14.59 -10.12
CA LEU A 394 -6.93 -13.26 -9.91
C LEU A 394 -7.08 -12.47 -11.18
N TYR A 395 -6.38 -12.90 -12.23
CA TYR A 395 -6.25 -12.08 -13.43
C TYR A 395 -7.08 -12.55 -14.60
N ARG A 396 -8.06 -13.41 -14.33
CA ARG A 396 -9.05 -13.71 -15.37
C ARG A 396 -10.50 -13.49 -14.97
#